data_211D
# 
_entry.id   211D 
# 
_audit_conform.dict_name       mmcif_pdbx.dic 
_audit_conform.dict_version    5.387 
_audit_conform.dict_location   http://mmcif.pdb.org/dictionaries/ascii/mmcif_pdbx.dic 
# 
loop_
_database_2.database_id 
_database_2.database_code 
_database_2.pdbx_database_accession 
_database_2.pdbx_DOI 
PDB   211D         pdb_0000211d 10.2210/pdb211d/pdb 
RCSB  ZDFB42       ?            ?                   
WWPDB D_1000177569 ?            ?                   
# 
loop_
_pdbx_audit_revision_history.ordinal 
_pdbx_audit_revision_history.data_content_type 
_pdbx_audit_revision_history.major_revision 
_pdbx_audit_revision_history.minor_revision 
_pdbx_audit_revision_history.revision_date 
1 'Structure model' 1 0 1996-03-22 
2 'Structure model' 1 1 2008-05-22 
3 'Structure model' 1 2 2011-07-13 
4 'Structure model' 1 3 2018-04-18 
5 'Structure model' 1 4 2024-02-14 
# 
_pdbx_audit_revision_details.ordinal             1 
_pdbx_audit_revision_details.revision_ordinal    1 
_pdbx_audit_revision_details.data_content_type   'Structure model' 
_pdbx_audit_revision_details.provider            repository 
_pdbx_audit_revision_details.type                'Initial release' 
_pdbx_audit_revision_details.description         ? 
_pdbx_audit_revision_details.details             ? 
# 
loop_
_pdbx_audit_revision_group.ordinal 
_pdbx_audit_revision_group.revision_ordinal 
_pdbx_audit_revision_group.data_content_type 
_pdbx_audit_revision_group.group 
1 2 'Structure model' 'Version format compliance' 
2 3 'Structure model' 'Version format compliance' 
3 4 'Structure model' 'Data collection'           
4 5 'Structure model' 'Data collection'           
5 5 'Structure model' 'Database references'       
6 5 'Structure model' 'Derived calculations'      
# 
loop_
_pdbx_audit_revision_category.ordinal 
_pdbx_audit_revision_category.revision_ordinal 
_pdbx_audit_revision_category.data_content_type 
_pdbx_audit_revision_category.category 
1 4 'Structure model' diffrn_detector  
2 5 'Structure model' chem_comp_atom   
3 5 'Structure model' chem_comp_bond   
4 5 'Structure model' database_2       
5 5 'Structure model' struct_conn      
6 5 'Structure model' struct_conn_type 
7 5 'Structure model' struct_site      
# 
loop_
_pdbx_audit_revision_item.ordinal 
_pdbx_audit_revision_item.revision_ordinal 
_pdbx_audit_revision_item.data_content_type 
_pdbx_audit_revision_item.item 
1  4 'Structure model' '_diffrn_detector.detector'            
2  5 'Structure model' '_database_2.pdbx_DOI'                 
3  5 'Structure model' '_database_2.pdbx_database_accession'  
4  5 'Structure model' '_struct_conn.conn_type_id'            
5  5 'Structure model' '_struct_conn.id'                      
6  5 'Structure model' '_struct_conn.pdbx_dist_value'         
7  5 'Structure model' '_struct_conn.pdbx_leaving_atom_flag'  
8  5 'Structure model' '_struct_conn.pdbx_ptnr2_label_alt_id' 
9  5 'Structure model' '_struct_conn.ptnr1_auth_comp_id'      
10 5 'Structure model' '_struct_conn.ptnr1_auth_seq_id'       
11 5 'Structure model' '_struct_conn.ptnr1_label_asym_id'     
12 5 'Structure model' '_struct_conn.ptnr1_label_atom_id'     
13 5 'Structure model' '_struct_conn.ptnr1_label_comp_id'     
14 5 'Structure model' '_struct_conn.ptnr1_label_seq_id'      
15 5 'Structure model' '_struct_conn.ptnr2_auth_comp_id'      
16 5 'Structure model' '_struct_conn.ptnr2_auth_seq_id'       
17 5 'Structure model' '_struct_conn.ptnr2_label_asym_id'     
18 5 'Structure model' '_struct_conn.ptnr2_label_atom_id'     
19 5 'Structure model' '_struct_conn.ptnr2_label_comp_id'     
20 5 'Structure model' '_struct_conn.ptnr2_label_seq_id'      
21 5 'Structure model' '_struct_conn_type.id'                 
22 5 'Structure model' '_struct_site.pdbx_auth_asym_id'       
23 5 'Structure model' '_struct_site.pdbx_auth_comp_id'       
24 5 'Structure model' '_struct_site.pdbx_auth_seq_id'        
# 
_pdbx_database_status.status_code                     REL 
_pdbx_database_status.entry_id                        211D 
_pdbx_database_status.recvd_initial_deposition_date   1995-06-13 
_pdbx_database_status.deposit_site                    BNL 
_pdbx_database_status.process_site                    NDB 
_pdbx_database_status.status_code_sf                  REL 
_pdbx_database_status.status_code_mr                  ? 
_pdbx_database_status.SG_entry                        ? 
_pdbx_database_status.pdb_format_compatible           Y 
_pdbx_database_status.status_code_cs                  ? 
_pdbx_database_status.methods_development_category    ? 
_pdbx_database_status.status_code_nmr_data            ? 
# 
loop_
_audit_author.name 
_audit_author.pdbx_ordinal 
'Parkinson, G.N.' 1 
'Arvantis, G.M.'  2 
'Lessinger, L.'   3 
'Ginell, S.L.'    4 
'Jones, R.'       5 
'Gaffney, B.'     6 
'Berman, H.M.'    7 
# 
_citation.id                        primary 
_citation.title                     
'Crystal and molecular structure of a new Z-DNA crystal form: d[CGT(2-NH2-A)CG] and its platinated derivative.' 
_citation.journal_abbrev            Biochemistry 
_citation.journal_volume            34 
_citation.page_first                15487 
_citation.page_last                 15495 
_citation.year                      1995 
_citation.journal_id_ASTM           BICHAW 
_citation.country                   US 
_citation.journal_id_ISSN           0006-2960 
_citation.journal_id_CSD            0033 
_citation.book_publisher            ? 
_citation.pdbx_database_id_PubMed   7492550 
_citation.pdbx_database_id_DOI      10.1021/bi00047a014 
# 
loop_
_citation_author.citation_id 
_citation_author.name 
_citation_author.ordinal 
_citation_author.identifier_ORCID 
primary 'Parkinson, G.N.' 1 ? 
primary 'Arvanitis, G.M.' 2 ? 
primary 'Lessinger, L.'   3 ? 
primary 'Ginell, S.L.'    4 ? 
primary 'Jones, R.'       5 ? 
primary 'Gaffney, B.'     6 ? 
primary 'Berman, H.M.'    7 ? 
# 
loop_
_entity.id 
_entity.type 
_entity.src_method 
_entity.pdbx_description 
_entity.formula_weight 
_entity.pdbx_number_of_molecules 
_entity.pdbx_ec 
_entity.pdbx_mutation 
_entity.pdbx_fragment 
_entity.details 
1 polymer     syn 
;DNA (5'-D(*CP*GP*TP*(1AP)P*CP*(PT(NH3)3)G)-3')
;
1824.231 1  ? ? ? ? 
2 non-polymer syn 'PLATINUM TRIAMINE ION'                          246.170  1  ? ? ? ? 
3 non-polymer syn SPERMINE                                         202.340  1  ? ? ? ? 
4 water       nat water                                            18.015   23 ? ? ? ? 
# 
_entity_poly.entity_id                      1 
_entity_poly.type                           polydeoxyribonucleotide 
_entity_poly.nstd_linkage                   no 
_entity_poly.nstd_monomer                   yes 
_entity_poly.pdbx_seq_one_letter_code       '(DC)(DG)(DT)(1AP)(DC)(DG)' 
_entity_poly.pdbx_seq_one_letter_code_can   CGTACG 
_entity_poly.pdbx_strand_id                 A 
_entity_poly.pdbx_target_identifier         ? 
# 
loop_
_pdbx_entity_nonpoly.entity_id 
_pdbx_entity_nonpoly.name 
_pdbx_entity_nonpoly.comp_id 
2 'PLATINUM TRIAMINE ION' PTN 
3 SPERMINE                SPM 
4 water                   HOH 
# 
loop_
_entity_poly_seq.entity_id 
_entity_poly_seq.num 
_entity_poly_seq.mon_id 
_entity_poly_seq.hetero 
1 1 DC  n 
1 2 DG  n 
1 3 DT  n 
1 4 1AP n 
1 5 DC  n 
1 6 DG  n 
# 
loop_
_chem_comp.id 
_chem_comp.type 
_chem_comp.mon_nstd_flag 
_chem_comp.name 
_chem_comp.pdbx_synonyms 
_chem_comp.formula 
_chem_comp.formula_weight 
1AP 'DNA linking' n '2,6-DIAMINOPURINE NUCLEOTIDE'       ? 'C10 H15 N6 O6 P' 346.236 
DC  'DNA linking' y "2'-DEOXYCYTIDINE-5'-MONOPHOSPHATE"  ? 'C9 H14 N3 O7 P'  307.197 
DG  'DNA linking' y "2'-DEOXYGUANOSINE-5'-MONOPHOSPHATE" ? 'C10 H14 N5 O7 P' 347.221 
DT  'DNA linking' y "THYMIDINE-5'-MONOPHOSPHATE"         ? 'C10 H15 N2 O8 P' 322.208 
HOH non-polymer   . WATER                                ? 'H2 O'            18.015  
PTN non-polymer   . 'PLATINUM TRIAMINE ION'              ? 'H9 N3 Pt 2'      246.170 
SPM non-polymer   . SPERMINE                             ? 'C10 H26 N4'      202.340 
# 
loop_
_pdbx_poly_seq_scheme.asym_id 
_pdbx_poly_seq_scheme.entity_id 
_pdbx_poly_seq_scheme.seq_id 
_pdbx_poly_seq_scheme.mon_id 
_pdbx_poly_seq_scheme.ndb_seq_num 
_pdbx_poly_seq_scheme.pdb_seq_num 
_pdbx_poly_seq_scheme.auth_seq_num 
_pdbx_poly_seq_scheme.pdb_mon_id 
_pdbx_poly_seq_scheme.auth_mon_id 
_pdbx_poly_seq_scheme.pdb_strand_id 
_pdbx_poly_seq_scheme.pdb_ins_code 
_pdbx_poly_seq_scheme.hetero 
A 1 1 DC  1 1 1 DC  C  A . n 
A 1 2 DG  2 2 2 DG  G  A . n 
A 1 3 DT  3 3 3 DT  T  A . n 
A 1 4 1AP 4 4 4 1AP +A A . n 
A 1 5 DC  5 5 5 DC  C  A . n 
A 1 6 DG  6 6 6 DG  +G A . n 
# 
loop_
_pdbx_nonpoly_scheme.asym_id 
_pdbx_nonpoly_scheme.entity_id 
_pdbx_nonpoly_scheme.mon_id 
_pdbx_nonpoly_scheme.ndb_seq_num 
_pdbx_nonpoly_scheme.pdb_seq_num 
_pdbx_nonpoly_scheme.auth_seq_num 
_pdbx_nonpoly_scheme.pdb_mon_id 
_pdbx_nonpoly_scheme.auth_mon_id 
_pdbx_nonpoly_scheme.pdb_strand_id 
_pdbx_nonpoly_scheme.pdb_ins_code 
B 2 PTN 1  7  6  PTN G   A . 
C 3 SPM 1  8  7  SPM SPM A . 
D 4 HOH 1  9  8  HOH HOH A . 
D 4 HOH 2  10 9  HOH HOH A . 
D 4 HOH 3  11 10 HOH HOH A . 
D 4 HOH 4  12 11 HOH HOH A . 
D 4 HOH 5  13 12 HOH HOH A . 
D 4 HOH 6  14 13 HOH HOH A . 
D 4 HOH 7  15 14 HOH HOH A . 
D 4 HOH 8  16 15 HOH HOH A . 
D 4 HOH 9  17 16 HOH HOH A . 
D 4 HOH 10 18 17 HOH HOH A . 
D 4 HOH 11 19 18 HOH HOH A . 
D 4 HOH 12 20 19 HOH HOH A . 
D 4 HOH 13 21 20 HOH HOH A . 
D 4 HOH 14 22 21 HOH HOH A . 
D 4 HOH 15 23 22 HOH HOH A . 
D 4 HOH 16 24 23 HOH HOH A . 
D 4 HOH 17 25 24 HOH HOH A . 
D 4 HOH 18 26 25 HOH HOH A . 
D 4 HOH 19 27 26 HOH HOH A . 
D 4 HOH 20 28 27 HOH HOH A . 
D 4 HOH 21 29 28 HOH HOH A . 
D 4 HOH 22 30 29 HOH HOH A . 
D 4 HOH 23 31 30 HOH HOH A . 
# 
_software.name             X-PLOR 
_software.classification   refinement 
_software.version          . 
_software.citation_id      ? 
_software.pdbx_ordinal     1 
# 
_cell.entry_id           211D 
_cell.length_a           25.193 
_cell.length_b           25.193 
_cell.length_c           38.948 
_cell.angle_alpha        90.00 
_cell.angle_beta         90.00 
_cell.angle_gamma        120.00 
_cell.Z_PDB              6 
_cell.pdbx_unique_axis   ? 
# 
_symmetry.entry_id                         211D 
_symmetry.space_group_name_H-M             'P 32 2 1' 
_symmetry.pdbx_full_space_group_name_H-M   ? 
_symmetry.cell_setting                     ? 
_symmetry.Int_Tables_number                154 
# 
_exptl.entry_id          211D 
_exptl.method            'X-RAY DIFFRACTION' 
_exptl.crystals_number   ? 
# 
_exptl_crystal.id                    1 
_exptl_crystal.density_meas          1.4500 
_exptl_crystal.density_Matthews      1.89 
_exptl_crystal.density_percent_sol   34.91 
_exptl_crystal.description           ? 
# 
_exptl_crystal_grow.crystal_id      1 
_exptl_crystal_grow.method          'VAPOR DIFFUSION, SITTING DROP' 
_exptl_crystal_grow.temp            ? 
_exptl_crystal_grow.temp_details    ? 
_exptl_crystal_grow.pH              ? 
_exptl_crystal_grow.pdbx_details    'VAPOR DIFFUSION, SITTING DROP' 
_exptl_crystal_grow.pdbx_pH_range   ? 
# 
loop_
_exptl_crystal_grow_comp.crystal_id 
_exptl_crystal_grow_comp.id 
_exptl_crystal_grow_comp.sol_id 
_exptl_crystal_grow_comp.name 
_exptl_crystal_grow_comp.volume 
_exptl_crystal_grow_comp.conc 
_exptl_crystal_grow_comp.details 
1 1 1 WATER           ? ? ? 
1 2 1 MPD             ? ? ? 
1 3 1 SPERMINE        ? ? ? 
1 4 1 MGCL2           ? ? ? 
1 5 1 'NA CACODYLATE' ? ? ? 
1 6 2 WATER           ? ? ? 
1 7 2 MPD             ? ? ? 
# 
_diffrn.id                     1 
_diffrn.ambient_temp           277.00 
_diffrn.ambient_temp_details   ? 
_diffrn.crystal_id             1 
# 
_diffrn_detector.diffrn_id              1 
_diffrn_detector.detector               DIFFRACTOMETER 
_diffrn_detector.type                   'ENRAF-NONIUS CAD4' 
_diffrn_detector.pdbx_collection_date   ? 
_diffrn_detector.details                ? 
# 
_diffrn_radiation.diffrn_id                        1 
_diffrn_radiation.wavelength_id                    1 
_diffrn_radiation.pdbx_monochromatic_or_laue_m_l   ? 
_diffrn_radiation.monochromator                    ? 
_diffrn_radiation.pdbx_diffrn_protocol             ? 
_diffrn_radiation.pdbx_scattering_type             x-ray 
# 
_diffrn_radiation_wavelength.id           1 
_diffrn_radiation_wavelength.wavelength   1.5418 
_diffrn_radiation_wavelength.wt           1.0 
# 
_diffrn_source.diffrn_id                   1 
_diffrn_source.source                      'ROTATING ANODE' 
_diffrn_source.type                        'ELLIOTT GX-21' 
_diffrn_source.pdbx_synchrotron_site       ? 
_diffrn_source.pdbx_synchrotron_beamline   ? 
_diffrn_source.pdbx_wavelength             1.5418 
_diffrn_source.pdbx_wavelength_list        ? 
# 
_reflns.entry_id                     211D 
_reflns.observed_criterion_sigma_I   ? 
_reflns.observed_criterion_sigma_F   2.000 
_reflns.d_resolution_low             ? 
_reflns.d_resolution_high            1.600 
_reflns.number_obs                   1741 
_reflns.number_all                   2129 
_reflns.percent_possible_obs         ? 
_reflns.pdbx_Rmerge_I_obs            ? 
_reflns.pdbx_Rsym_value              ? 
_reflns.pdbx_netI_over_sigmaI        ? 
_reflns.B_iso_Wilson_estimate        ? 
_reflns.pdbx_redundancy              ? 
_reflns.pdbx_diffrn_id               1 
_reflns.pdbx_ordinal                 1 
# 
_refine.entry_id                                 211D 
_refine.ls_number_reflns_obs                     1583 
_refine.ls_number_reflns_all                     ? 
_refine.pdbx_ls_sigma_I                          ? 
_refine.pdbx_ls_sigma_F                          4.000 
_refine.pdbx_data_cutoff_high_absF               ? 
_refine.pdbx_data_cutoff_low_absF                ? 
_refine.pdbx_data_cutoff_high_rms_absF           ? 
_refine.ls_d_res_low                             12.000 
_refine.ls_d_res_high                            1.600 
_refine.ls_percent_reflns_obs                    70.400 
_refine.ls_R_factor_obs                          0.17 
_refine.ls_R_factor_all                          ? 
_refine.ls_R_factor_R_work                       0.17 
_refine.ls_R_factor_R_free                       ? 
_refine.ls_R_factor_R_free_error                 ? 
_refine.ls_R_factor_R_free_error_details         ? 
_refine.ls_percent_reflns_R_free                 ? 
_refine.ls_number_reflns_R_free                  ? 
_refine.ls_number_parameters                     ? 
_refine.ls_number_restraints                     ? 
_refine.occupancy_min                            ? 
_refine.occupancy_max                            ? 
_refine.B_iso_mean                               ? 
_refine.aniso_B[1][1]                            ? 
_refine.aniso_B[2][2]                            ? 
_refine.aniso_B[3][3]                            ? 
_refine.aniso_B[1][2]                            ? 
_refine.aniso_B[1][3]                            ? 
_refine.aniso_B[2][3]                            ? 
_refine.solvent_model_details                    ? 
_refine.solvent_model_param_ksol                 ? 
_refine.solvent_model_param_bsol                 ? 
_refine.pdbx_ls_cross_valid_method               ? 
_refine.details                                  ? 
_refine.pdbx_starting_model                      ? 
_refine.pdbx_method_to_determine_struct          ? 
_refine.pdbx_isotropic_thermal_model             ? 
_refine.pdbx_stereochemistry_target_values       ? 
_refine.pdbx_stereochem_target_val_spec_case     ? 
_refine.pdbx_R_Free_selection_details            ? 
_refine.pdbx_overall_ESU_R                       ? 
_refine.pdbx_overall_ESU_R_Free                  ? 
_refine.overall_SU_ML                            ? 
_refine.overall_SU_B                             ? 
_refine.pdbx_refine_id                           'X-RAY DIFFRACTION' 
_refine.pdbx_diffrn_id                           1 
_refine.pdbx_TLS_residual_ADP_flag               ? 
_refine.correlation_coeff_Fo_to_Fc               ? 
_refine.correlation_coeff_Fo_to_Fc_free          ? 
_refine.pdbx_solvent_vdw_probe_radii             ? 
_refine.pdbx_solvent_ion_probe_radii             ? 
_refine.pdbx_solvent_shrinkage_radii             ? 
_refine.pdbx_overall_phase_error                 ? 
_refine.overall_SU_R_Cruickshank_DPI             ? 
_refine.pdbx_overall_SU_R_free_Cruickshank_DPI   ? 
_refine.pdbx_overall_SU_R_Blow_DPI               ? 
_refine.pdbx_overall_SU_R_free_Blow_DPI          ? 
# 
_refine_hist.pdbx_refine_id                   'X-RAY DIFFRACTION' 
_refine_hist.cycle_id                         LAST 
_refine_hist.pdbx_number_atoms_protein        0 
_refine_hist.pdbx_number_atoms_nucleic_acid   123 
_refine_hist.pdbx_number_atoms_ligand         19 
_refine_hist.number_atoms_solvent             23 
_refine_hist.number_atoms_total               165 
_refine_hist.d_res_high                       1.600 
_refine_hist.d_res_low                        12.000 
# 
loop_
_refine_ls_restr.type 
_refine_ls_restr.dev_ideal 
_refine_ls_restr.dev_ideal_target 
_refine_ls_restr.weight 
_refine_ls_restr.number 
_refine_ls_restr.pdbx_refine_id 
_refine_ls_restr.pdbx_restraint_function 
x_bond_d                0.009 ? ? ? 'X-RAY DIFFRACTION' ? 
x_bond_d_na             ?     ? ? ? 'X-RAY DIFFRACTION' ? 
x_bond_d_prot           ?     ? ? ? 'X-RAY DIFFRACTION' ? 
x_angle_d               ?     ? ? ? 'X-RAY DIFFRACTION' ? 
x_angle_d_na            ?     ? ? ? 'X-RAY DIFFRACTION' ? 
x_angle_d_prot          ?     ? ? ? 'X-RAY DIFFRACTION' ? 
x_angle_deg             1.66  ? ? ? 'X-RAY DIFFRACTION' ? 
x_angle_deg_na          ?     ? ? ? 'X-RAY DIFFRACTION' ? 
x_angle_deg_prot        ?     ? ? ? 'X-RAY DIFFRACTION' ? 
x_dihedral_angle_d      ?     ? ? ? 'X-RAY DIFFRACTION' ? 
x_dihedral_angle_d_na   ?     ? ? ? 'X-RAY DIFFRACTION' ? 
x_dihedral_angle_d_prot ?     ? ? ? 'X-RAY DIFFRACTION' ? 
x_improper_angle_d      ?     ? ? ? 'X-RAY DIFFRACTION' ? 
x_improper_angle_d_na   ?     ? ? ? 'X-RAY DIFFRACTION' ? 
x_improper_angle_d_prot ?     ? ? ? 'X-RAY DIFFRACTION' ? 
x_mcbond_it             ?     ? ? ? 'X-RAY DIFFRACTION' ? 
x_mcangle_it            ?     ? ? ? 'X-RAY DIFFRACTION' ? 
x_scbond_it             ?     ? ? ? 'X-RAY DIFFRACTION' ? 
x_scangle_it            ?     ? ? ? 'X-RAY DIFFRACTION' ? 
# 
_struct.entry_id                  211D 
_struct.title                     
'THE CRYSTAL AND MOLECULAR STRUCTURE OF A NEW Z-DNA CRYSTAL FORM: D[CGT(2-NH2-A) CG] AND ITS PLATINATED DERIVATIVE' 
_struct.pdbx_model_details        ? 
_struct.pdbx_CASP_flag            ? 
_struct.pdbx_model_type_details   ? 
# 
_struct_keywords.entry_id        211D 
_struct_keywords.pdbx_keywords   DNA 
_struct_keywords.text            'Z-DNA, DOUBLE HELIX, MODIFIED, DNA' 
# 
loop_
_struct_asym.id 
_struct_asym.pdbx_blank_PDB_chainid_flag 
_struct_asym.pdbx_modified 
_struct_asym.entity_id 
_struct_asym.details 
A N N 1 ? 
B N N 2 ? 
C N N 3 ? 
D N N 4 ? 
# 
_struct_ref.id                         1 
_struct_ref.entity_id                  1 
_struct_ref.db_name                    PDB 
_struct_ref.db_code                    211D 
_struct_ref.pdbx_db_accession          211D 
_struct_ref.pdbx_db_isoform            ? 
_struct_ref.pdbx_seq_one_letter_code   ? 
_struct_ref.pdbx_align_begin           ? 
# 
_struct_ref_seq.align_id                      1 
_struct_ref_seq.ref_id                        1 
_struct_ref_seq.pdbx_PDB_id_code              211D 
_struct_ref_seq.pdbx_strand_id                A 
_struct_ref_seq.seq_align_beg                 1 
_struct_ref_seq.pdbx_seq_align_beg_ins_code   ? 
_struct_ref_seq.seq_align_end                 6 
_struct_ref_seq.pdbx_seq_align_end_ins_code   ? 
_struct_ref_seq.pdbx_db_accession             211D 
_struct_ref_seq.db_align_beg                  1 
_struct_ref_seq.pdbx_db_align_beg_ins_code    ? 
_struct_ref_seq.db_align_end                  6 
_struct_ref_seq.pdbx_db_align_end_ins_code    ? 
_struct_ref_seq.pdbx_auth_seq_align_beg       1 
_struct_ref_seq.pdbx_auth_seq_align_end       6 
# 
_pdbx_struct_assembly.id                   1 
_pdbx_struct_assembly.details              author_defined_assembly 
_pdbx_struct_assembly.method_details       ? 
_pdbx_struct_assembly.oligomeric_details   dimeric 
_pdbx_struct_assembly.oligomeric_count     2 
# 
_pdbx_struct_assembly_gen.assembly_id       1 
_pdbx_struct_assembly_gen.oper_expression   1,2 
_pdbx_struct_assembly_gen.asym_id_list      A,B,C,D 
# 
loop_
_pdbx_struct_oper_list.id 
_pdbx_struct_oper_list.type 
_pdbx_struct_oper_list.name 
_pdbx_struct_oper_list.symmetry_operation 
_pdbx_struct_oper_list.matrix[1][1] 
_pdbx_struct_oper_list.matrix[1][2] 
_pdbx_struct_oper_list.matrix[1][3] 
_pdbx_struct_oper_list.vector[1] 
_pdbx_struct_oper_list.matrix[2][1] 
_pdbx_struct_oper_list.matrix[2][2] 
_pdbx_struct_oper_list.matrix[2][3] 
_pdbx_struct_oper_list.vector[2] 
_pdbx_struct_oper_list.matrix[3][1] 
_pdbx_struct_oper_list.matrix[3][2] 
_pdbx_struct_oper_list.matrix[3][3] 
_pdbx_struct_oper_list.vector[3] 
1 'identity operation'         1_555 x,y,z    1.0000000000  0.0000000000 0.0000000000  0.0000000000 0.0000000000 1.0000000000  0.0000000000  0.0000000000  0.0000000000  0.0000000000  1.0000000000  0.0000000000  
2 'crystal symmetry operation' 4_556 y,x,-z+1 -0.3951274996 0.7011371614 -0.5935325938 5.8312171460 0.7011371614 -0.1872777836 -0.6879925237 -6.6547485420 -0.5935325938 -0.6879925237 -0.4175947168 -1.9185949005 
# 
_struct_biol.id   1 
# 
loop_
_struct_conn.id 
_struct_conn.conn_type_id 
_struct_conn.pdbx_leaving_atom_flag 
_struct_conn.pdbx_PDB_id 
_struct_conn.ptnr1_label_asym_id 
_struct_conn.ptnr1_label_comp_id 
_struct_conn.ptnr1_label_seq_id 
_struct_conn.ptnr1_label_atom_id 
_struct_conn.pdbx_ptnr1_label_alt_id 
_struct_conn.pdbx_ptnr1_PDB_ins_code 
_struct_conn.pdbx_ptnr1_standard_comp_id 
_struct_conn.ptnr1_symmetry 
_struct_conn.ptnr2_label_asym_id 
_struct_conn.ptnr2_label_comp_id 
_struct_conn.ptnr2_label_seq_id 
_struct_conn.ptnr2_label_atom_id 
_struct_conn.pdbx_ptnr2_label_alt_id 
_struct_conn.pdbx_ptnr2_PDB_ins_code 
_struct_conn.ptnr1_auth_asym_id 
_struct_conn.ptnr1_auth_comp_id 
_struct_conn.ptnr1_auth_seq_id 
_struct_conn.ptnr2_auth_asym_id 
_struct_conn.ptnr2_auth_comp_id 
_struct_conn.ptnr2_auth_seq_id 
_struct_conn.ptnr2_symmetry 
_struct_conn.pdbx_ptnr3_label_atom_id 
_struct_conn.pdbx_ptnr3_label_seq_id 
_struct_conn.pdbx_ptnr3_label_comp_id 
_struct_conn.pdbx_ptnr3_label_asym_id 
_struct_conn.pdbx_ptnr3_label_alt_id 
_struct_conn.pdbx_ptnr3_PDB_ins_code 
_struct_conn.details 
_struct_conn.pdbx_dist_value 
_struct_conn.pdbx_value_order 
_struct_conn.pdbx_role 
covale1  covale both ? A DT  3 "O3'" ? ? ? 1_555 A 1AP 4 P  ? ? A DT  3 A 1AP 4 1_555 ? ? ? ? ? ? ?                1.615 ? ? 
covale2  covale one  ? A 1AP 4 "O3'" ? ? ? 1_555 A DC  5 P  A ? A 1AP 4 A DC  5 1_555 ? ? ? ? ? ? ?                1.688 ? ? 
covale3  covale one  ? A 1AP 4 "O3'" ? ? ? 1_555 A DC  5 P  B ? A 1AP 4 A DC  5 1_555 ? ? ? ? ? ? ?                1.589 ? ? 
metalc1  metalc ?    ? A DG  6 N7    ? ? ? 1_555 B PTN . PT ? ? A DG  6 A PTN 7 1_555 ? ? ? ? ? ? ?                2.245 ? ? 
metalc2  metalc ?    ? A DG  6 C8    ? ? ? 1_555 B PTN . PT ? ? A DG  6 A PTN 7 1_555 ? ? ? ? ? ? ?                3.079 ? ? 
hydrog1  hydrog ?    ? A DC  1 N3    ? ? ? 1_555 A DG  6 N1 ? ? A DC  1 A DG  6 4_556 ? ? ? ? ? ? WATSON-CRICK     ?     ? ? 
hydrog2  hydrog ?    ? A DC  1 N4    ? ? ? 1_555 A DG  6 O6 ? ? A DC  1 A DG  6 4_556 ? ? ? ? ? ? WATSON-CRICK     ?     ? ? 
hydrog3  hydrog ?    ? A DC  1 O2    ? ? ? 1_555 A DG  6 N2 ? ? A DC  1 A DG  6 4_556 ? ? ? ? ? ? WATSON-CRICK     ?     ? ? 
hydrog4  hydrog ?    ? A DG  2 N1    ? ? ? 1_555 A DC  5 N3 ? ? A DG  2 A DC  5 4_556 ? ? ? ? ? ? WATSON-CRICK     ?     ? ? 
hydrog5  hydrog ?    ? A DG  2 N2    ? ? ? 1_555 A DC  5 O2 ? ? A DG  2 A DC  5 4_556 ? ? ? ? ? ? WATSON-CRICK     ?     ? ? 
hydrog6  hydrog ?    ? A DG  2 O6    ? ? ? 1_555 A DC  5 N4 ? ? A DG  2 A DC  5 4_556 ? ? ? ? ? ? WATSON-CRICK     ?     ? ? 
hydrog7  hydrog ?    ? A DT  3 O2    ? ? ? 1_555 A 1AP 4 N2 ? ? A DT  3 A 1AP 4 4_556 ? ? ? ? ? ? 'DT-1AP MISPAIR' ?     ? ? 
hydrog8  hydrog ?    ? A 1AP 4 N2    ? ? ? 1_555 A DT  3 O2 ? ? A 1AP 4 A DT  3 4_556 ? ? ? ? ? ? '1AP-DT MISPAIR' ?     ? ? 
hydrog9  hydrog ?    ? A DC  5 N3    ? ? ? 1_555 A DG  2 N1 ? ? A DC  5 A DG  2 4_556 ? ? ? ? ? ? WATSON-CRICK     ?     ? ? 
hydrog10 hydrog ?    ? A DC  5 N4    ? ? ? 1_555 A DG  2 O6 ? ? A DC  5 A DG  2 4_556 ? ? ? ? ? ? WATSON-CRICK     ?     ? ? 
hydrog11 hydrog ?    ? A DC  5 O2    ? ? ? 1_555 A DG  2 N2 ? ? A DC  5 A DG  2 4_556 ? ? ? ? ? ? WATSON-CRICK     ?     ? ? 
hydrog12 hydrog ?    ? A DG  6 N1    ? ? ? 1_555 A DC  1 N3 ? ? A DG  6 A DC  1 4_556 ? ? ? ? ? ? WATSON-CRICK     ?     ? ? 
hydrog13 hydrog ?    ? A DG  6 N2    ? ? ? 1_555 A DC  1 O2 ? ? A DG  6 A DC  1 4_556 ? ? ? ? ? ? WATSON-CRICK     ?     ? ? 
hydrog14 hydrog ?    ? A DG  6 O6    ? ? ? 1_555 A DC  1 N4 ? ? A DG  6 A DC  1 4_556 ? ? ? ? ? ? WATSON-CRICK     ?     ? ? 
# 
loop_
_struct_conn_type.id 
_struct_conn_type.criteria 
_struct_conn_type.reference 
covale ? ? 
metalc ? ? 
hydrog ? ? 
# 
loop_
_pdbx_struct_conn_angle.id 
_pdbx_struct_conn_angle.ptnr1_label_atom_id 
_pdbx_struct_conn_angle.ptnr1_label_alt_id 
_pdbx_struct_conn_angle.ptnr1_label_asym_id 
_pdbx_struct_conn_angle.ptnr1_label_comp_id 
_pdbx_struct_conn_angle.ptnr1_label_seq_id 
_pdbx_struct_conn_angle.ptnr1_auth_atom_id 
_pdbx_struct_conn_angle.ptnr1_auth_asym_id 
_pdbx_struct_conn_angle.ptnr1_auth_comp_id 
_pdbx_struct_conn_angle.ptnr1_auth_seq_id 
_pdbx_struct_conn_angle.ptnr1_PDB_ins_code 
_pdbx_struct_conn_angle.ptnr1_symmetry 
_pdbx_struct_conn_angle.ptnr2_label_atom_id 
_pdbx_struct_conn_angle.ptnr2_label_alt_id 
_pdbx_struct_conn_angle.ptnr2_label_asym_id 
_pdbx_struct_conn_angle.ptnr2_label_comp_id 
_pdbx_struct_conn_angle.ptnr2_label_seq_id 
_pdbx_struct_conn_angle.ptnr2_auth_atom_id 
_pdbx_struct_conn_angle.ptnr2_auth_asym_id 
_pdbx_struct_conn_angle.ptnr2_auth_comp_id 
_pdbx_struct_conn_angle.ptnr2_auth_seq_id 
_pdbx_struct_conn_angle.ptnr2_PDB_ins_code 
_pdbx_struct_conn_angle.ptnr2_symmetry 
_pdbx_struct_conn_angle.ptnr3_label_atom_id 
_pdbx_struct_conn_angle.ptnr3_label_alt_id 
_pdbx_struct_conn_angle.ptnr3_label_asym_id 
_pdbx_struct_conn_angle.ptnr3_label_comp_id 
_pdbx_struct_conn_angle.ptnr3_label_seq_id 
_pdbx_struct_conn_angle.ptnr3_auth_atom_id 
_pdbx_struct_conn_angle.ptnr3_auth_asym_id 
_pdbx_struct_conn_angle.ptnr3_auth_comp_id 
_pdbx_struct_conn_angle.ptnr3_auth_seq_id 
_pdbx_struct_conn_angle.ptnr3_PDB_ins_code 
_pdbx_struct_conn_angle.ptnr3_symmetry 
_pdbx_struct_conn_angle.value 
_pdbx_struct_conn_angle.value_esd 
1  N7 ? A DG  6 ? A DG  6 ? 1_555 PT ? B PTN . ? A PTN 7 ? 1_555 N1 ? B PTN . ? A PTN 7 ? 1_555 87.6  ? 
2  N7 ? A DG  6 ? A DG  6 ? 1_555 PT ? B PTN . ? A PTN 7 ? 1_555 N2 ? B PTN . ? A PTN 7 ? 1_555 91.6  ? 
3  N1 ? B PTN . ? A PTN 7 ? 1_555 PT ? B PTN . ? A PTN 7 ? 1_555 N2 ? B PTN . ? A PTN 7 ? 1_555 179.1 ? 
4  N7 ? A DG  6 ? A DG  6 ? 1_555 PT ? B PTN . ? A PTN 7 ? 1_555 N3 ? B PTN . ? A PTN 7 ? 1_555 156.3 ? 
5  N1 ? B PTN . ? A PTN 7 ? 1_555 PT ? B PTN . ? A PTN 7 ? 1_555 N3 ? B PTN . ? A PTN 7 ? 1_555 89.7  ? 
6  N2 ? B PTN . ? A PTN 7 ? 1_555 PT ? B PTN . ? A PTN 7 ? 1_555 N3 ? B PTN . ? A PTN 7 ? 1_555 91.1  ? 
7  N7 ? A DG  6 ? A DG  6 ? 1_555 PT ? B PTN . ? A PTN 7 ? 1_555 C8 ? A DG  6 ? A DG  6 ? 1_555 22.1  ? 
8  N1 ? B PTN . ? A PTN 7 ? 1_555 PT ? B PTN . ? A PTN 7 ? 1_555 C8 ? A DG  6 ? A DG  6 ? 1_555 99.5  ? 
9  N2 ? B PTN . ? A PTN 7 ? 1_555 PT ? B PTN . ? A PTN 7 ? 1_555 C8 ? A DG  6 ? A DG  6 ? 1_555 79.6  ? 
10 N3 ? B PTN . ? A PTN 7 ? 1_555 PT ? B PTN . ? A PTN 7 ? 1_555 C8 ? A DG  6 ? A DG  6 ? 1_555 169.6 ? 
# 
loop_
_struct_site.id 
_struct_site.pdbx_evidence_code 
_struct_site.pdbx_auth_asym_id 
_struct_site.pdbx_auth_comp_id 
_struct_site.pdbx_auth_seq_id 
_struct_site.pdbx_auth_ins_code 
_struct_site.pdbx_num_residues 
_struct_site.details 
AC1 Software A PTN 7 ? 5  'BINDING SITE FOR RESIDUE PTN A 7' 
AC2 Software A SPM 8 ? 10 'BINDING SITE FOR RESIDUE SPM A 8' 
# 
loop_
_struct_site_gen.id 
_struct_site_gen.site_id 
_struct_site_gen.pdbx_num_res 
_struct_site_gen.label_comp_id 
_struct_site_gen.label_asym_id 
_struct_site_gen.label_seq_id 
_struct_site_gen.pdbx_auth_ins_code 
_struct_site_gen.auth_comp_id 
_struct_site_gen.auth_asym_id 
_struct_site_gen.auth_seq_id 
_struct_site_gen.label_atom_id 
_struct_site_gen.label_alt_id 
_struct_site_gen.symmetry 
_struct_site_gen.details 
1  AC1 5  DG  A 2 ? DG  A 2  . ? 5_446 ? 
2  AC1 5  DC  A 5 ? DC  A 5  . ? 1_555 ? 
3  AC1 5  DG  A 6 ? DG  A 6  . ? 6_346 ? 
4  AC1 5  DG  A 6 ? DG  A 6  . ? 1_555 ? 
5  AC1 5  SPM C . ? SPM A 8  . ? 1_555 ? 
6  AC2 10 DG  A 2 ? DG  A 2  . ? 3_545 ? 
7  AC2 10 DT  A 3 ? DT  A 3  . ? 3_545 ? 
8  AC2 10 1AP A 4 ? 1AP A 4  . ? 3_545 ? 
9  AC2 10 DC  A 5 ? DC  A 5  . ? 1_555 ? 
10 AC2 10 DG  A 6 ? DG  A 6  . ? 5_546 ? 
11 AC2 10 PTN B . ? PTN A 7  . ? 1_555 ? 
12 AC2 10 HOH D . ? HOH A 9  . ? 3_545 ? 
13 AC2 10 HOH D . ? HOH A 12 . ? 3_545 ? 
14 AC2 10 HOH D . ? HOH A 24 . ? 3_545 ? 
15 AC2 10 HOH D . ? HOH A 31 . ? 3_545 ? 
# 
_pdbx_validate_symm_contact.id                1 
_pdbx_validate_symm_contact.PDB_model_num     1 
_pdbx_validate_symm_contact.auth_atom_id_1    OP2 
_pdbx_validate_symm_contact.auth_asym_id_1    A 
_pdbx_validate_symm_contact.auth_comp_id_1    DG 
_pdbx_validate_symm_contact.auth_seq_id_1     2 
_pdbx_validate_symm_contact.PDB_ins_code_1    ? 
_pdbx_validate_symm_contact.label_alt_id_1    ? 
_pdbx_validate_symm_contact.site_symmetry_1   1_555 
_pdbx_validate_symm_contact.auth_atom_id_2    C3 
_pdbx_validate_symm_contact.auth_asym_id_2    A 
_pdbx_validate_symm_contact.auth_comp_id_2    SPM 
_pdbx_validate_symm_contact.auth_seq_id_2     8 
_pdbx_validate_symm_contact.PDB_ins_code_2    ? 
_pdbx_validate_symm_contact.label_alt_id_2    ? 
_pdbx_validate_symm_contact.site_symmetry_2   2_444 
_pdbx_validate_symm_contact.dist              2.15 
# 
_pdbx_validate_rmsd_bond.id                        1 
_pdbx_validate_rmsd_bond.PDB_model_num             1 
_pdbx_validate_rmsd_bond.auth_atom_id_1            "O3'" 
_pdbx_validate_rmsd_bond.auth_asym_id_1            A 
_pdbx_validate_rmsd_bond.auth_comp_id_1            1AP 
_pdbx_validate_rmsd_bond.auth_seq_id_1             4 
_pdbx_validate_rmsd_bond.PDB_ins_code_1            ? 
_pdbx_validate_rmsd_bond.label_alt_id_1            ? 
_pdbx_validate_rmsd_bond.auth_atom_id_2            P 
_pdbx_validate_rmsd_bond.auth_asym_id_2            A 
_pdbx_validate_rmsd_bond.auth_comp_id_2            DC 
_pdbx_validate_rmsd_bond.auth_seq_id_2             5 
_pdbx_validate_rmsd_bond.PDB_ins_code_2            ? 
_pdbx_validate_rmsd_bond.label_alt_id_2            A 
_pdbx_validate_rmsd_bond.bond_value                1.688 
_pdbx_validate_rmsd_bond.bond_target_value         1.607 
_pdbx_validate_rmsd_bond.bond_deviation            0.081 
_pdbx_validate_rmsd_bond.bond_standard_deviation   0.012 
_pdbx_validate_rmsd_bond.linker_flag               Y 
# 
loop_
_pdbx_validate_rmsd_angle.id 
_pdbx_validate_rmsd_angle.PDB_model_num 
_pdbx_validate_rmsd_angle.auth_atom_id_1 
_pdbx_validate_rmsd_angle.auth_asym_id_1 
_pdbx_validate_rmsd_angle.auth_comp_id_1 
_pdbx_validate_rmsd_angle.auth_seq_id_1 
_pdbx_validate_rmsd_angle.PDB_ins_code_1 
_pdbx_validate_rmsd_angle.label_alt_id_1 
_pdbx_validate_rmsd_angle.auth_atom_id_2 
_pdbx_validate_rmsd_angle.auth_asym_id_2 
_pdbx_validate_rmsd_angle.auth_comp_id_2 
_pdbx_validate_rmsd_angle.auth_seq_id_2 
_pdbx_validate_rmsd_angle.PDB_ins_code_2 
_pdbx_validate_rmsd_angle.label_alt_id_2 
_pdbx_validate_rmsd_angle.auth_atom_id_3 
_pdbx_validate_rmsd_angle.auth_asym_id_3 
_pdbx_validate_rmsd_angle.auth_comp_id_3 
_pdbx_validate_rmsd_angle.auth_seq_id_3 
_pdbx_validate_rmsd_angle.PDB_ins_code_3 
_pdbx_validate_rmsd_angle.label_alt_id_3 
_pdbx_validate_rmsd_angle.angle_value 
_pdbx_validate_rmsd_angle.angle_target_value 
_pdbx_validate_rmsd_angle.angle_deviation 
_pdbx_validate_rmsd_angle.angle_standard_deviation 
_pdbx_validate_rmsd_angle.linker_flag 
1 1 "C3'" A 1AP 4 ? ? "O3'" A 1AP 4 ? ? P   A DC 5 ? B 133.78 119.70 14.08 1.20 Y 
2 1 "O3'" A 1AP 4 ? ? P     A DC  5 ? A OP2 A DC 5 ? A 117.86 110.50 7.36  1.10 Y 
# 
_pdbx_struct_mod_residue.id               1 
_pdbx_struct_mod_residue.label_asym_id    A 
_pdbx_struct_mod_residue.label_comp_id    1AP 
_pdbx_struct_mod_residue.label_seq_id     4 
_pdbx_struct_mod_residue.auth_asym_id     A 
_pdbx_struct_mod_residue.auth_comp_id     1AP 
_pdbx_struct_mod_residue.auth_seq_id      4 
_pdbx_struct_mod_residue.PDB_ins_code     ? 
_pdbx_struct_mod_residue.parent_comp_id   DA 
_pdbx_struct_mod_residue.details          '2,6-DIAMINOPURINE NUCLEOTIDE' 
# 
loop_
_chem_comp_atom.comp_id 
_chem_comp_atom.atom_id 
_chem_comp_atom.type_symbol 
_chem_comp_atom.pdbx_aromatic_flag 
_chem_comp_atom.pdbx_stereo_config 
_chem_comp_atom.pdbx_ordinal 
1AP N1     N  Y N 1   
1AP C2     C  Y N 2   
1AP C4     C  Y N 3   
1AP C5     C  Y N 4   
1AP C6     C  Y N 5   
1AP C8     C  Y N 6   
1AP N2     N  N N 7   
1AP N3     N  Y N 8   
1AP N9     N  Y N 9   
1AP N7     N  Y N 10  
1AP N6     N  N N 11  
1AP P      P  N N 12  
1AP OP1    O  N N 13  
1AP OP2    O  N N 14  
1AP "O5'"  O  N N 15  
1AP "C5'"  C  N N 16  
1AP "C4'"  C  N R 17  
1AP "O4'"  O  N N 18  
1AP "C1'"  C  N R 19  
1AP "C2'"  C  N N 20  
1AP "C3'"  C  N S 21  
1AP "O3'"  O  N N 22  
1AP OP3    O  N N 23  
1AP H81    H  N N 24  
1AP HN21   H  N N 25  
1AP HN22   H  N N 26  
1AP HN61   H  N N 27  
1AP HN62   H  N N 28  
1AP H1P    H  N N 29  
1AP H52    H  N N 30  
1AP H51    H  N N 31  
1AP H4     H  N N 32  
1AP H11    H  N N 33  
1AP H21    H  N N 34  
1AP H22    H  N N 35  
1AP H31    H  N N 36  
1AP HO31   H  N N 37  
1AP H3P    H  N N 38  
DC  OP3    O  N N 39  
DC  P      P  N N 40  
DC  OP1    O  N N 41  
DC  OP2    O  N N 42  
DC  "O5'"  O  N N 43  
DC  "C5'"  C  N N 44  
DC  "C4'"  C  N R 45  
DC  "O4'"  O  N N 46  
DC  "C3'"  C  N S 47  
DC  "O3'"  O  N N 48  
DC  "C2'"  C  N N 49  
DC  "C1'"  C  N R 50  
DC  N1     N  N N 51  
DC  C2     C  N N 52  
DC  O2     O  N N 53  
DC  N3     N  N N 54  
DC  C4     C  N N 55  
DC  N4     N  N N 56  
DC  C5     C  N N 57  
DC  C6     C  N N 58  
DC  HOP3   H  N N 59  
DC  HOP2   H  N N 60  
DC  "H5'"  H  N N 61  
DC  "H5''" H  N N 62  
DC  "H4'"  H  N N 63  
DC  "H3'"  H  N N 64  
DC  "HO3'" H  N N 65  
DC  "H2'"  H  N N 66  
DC  "H2''" H  N N 67  
DC  "H1'"  H  N N 68  
DC  H41    H  N N 69  
DC  H42    H  N N 70  
DC  H5     H  N N 71  
DC  H6     H  N N 72  
DG  OP3    O  N N 73  
DG  P      P  N N 74  
DG  OP1    O  N N 75  
DG  OP2    O  N N 76  
DG  "O5'"  O  N N 77  
DG  "C5'"  C  N N 78  
DG  "C4'"  C  N R 79  
DG  "O4'"  O  N N 80  
DG  "C3'"  C  N S 81  
DG  "O3'"  O  N N 82  
DG  "C2'"  C  N N 83  
DG  "C1'"  C  N R 84  
DG  N9     N  Y N 85  
DG  C8     C  Y N 86  
DG  N7     N  Y N 87  
DG  C5     C  Y N 88  
DG  C6     C  N N 89  
DG  O6     O  N N 90  
DG  N1     N  N N 91  
DG  C2     C  N N 92  
DG  N2     N  N N 93  
DG  N3     N  N N 94  
DG  C4     C  Y N 95  
DG  HOP3   H  N N 96  
DG  HOP2   H  N N 97  
DG  "H5'"  H  N N 98  
DG  "H5''" H  N N 99  
DG  "H4'"  H  N N 100 
DG  "H3'"  H  N N 101 
DG  "HO3'" H  N N 102 
DG  "H2'"  H  N N 103 
DG  "H2''" H  N N 104 
DG  "H1'"  H  N N 105 
DG  H8     H  N N 106 
DG  H1     H  N N 107 
DG  H21    H  N N 108 
DG  H22    H  N N 109 
DT  OP3    O  N N 110 
DT  P      P  N N 111 
DT  OP1    O  N N 112 
DT  OP2    O  N N 113 
DT  "O5'"  O  N N 114 
DT  "C5'"  C  N N 115 
DT  "C4'"  C  N R 116 
DT  "O4'"  O  N N 117 
DT  "C3'"  C  N S 118 
DT  "O3'"  O  N N 119 
DT  "C2'"  C  N N 120 
DT  "C1'"  C  N R 121 
DT  N1     N  N N 122 
DT  C2     C  N N 123 
DT  O2     O  N N 124 
DT  N3     N  N N 125 
DT  C4     C  N N 126 
DT  O4     O  N N 127 
DT  C5     C  N N 128 
DT  C7     C  N N 129 
DT  C6     C  N N 130 
DT  HOP3   H  N N 131 
DT  HOP2   H  N N 132 
DT  "H5'"  H  N N 133 
DT  "H5''" H  N N 134 
DT  "H4'"  H  N N 135 
DT  "H3'"  H  N N 136 
DT  "HO3'" H  N N 137 
DT  "H2'"  H  N N 138 
DT  "H2''" H  N N 139 
DT  "H1'"  H  N N 140 
DT  H3     H  N N 141 
DT  H71    H  N N 142 
DT  H72    H  N N 143 
DT  H73    H  N N 144 
DT  H6     H  N N 145 
HOH O      O  N N 146 
HOH H1     H  N N 147 
HOH H2     H  N N 148 
PTN PT     PT N N 149 
PTN N1     N  N N 150 
PTN N2     N  N N 151 
PTN N3     N  N N 152 
PTN H11    H  N N 153 
PTN H12    H  N N 154 
PTN H13    H  N N 155 
PTN H21    H  N N 156 
PTN H22    H  N N 157 
PTN H23    H  N N 158 
PTN H31    H  N N 159 
PTN H32    H  N N 160 
PTN H33    H  N N 161 
SPM N1     N  N N 162 
SPM C2     C  N N 163 
SPM C3     C  N N 164 
SPM C4     C  N N 165 
SPM N5     N  N N 166 
SPM C6     C  N N 167 
SPM C7     C  N N 168 
SPM C8     C  N N 169 
SPM C9     C  N N 170 
SPM N10    N  N N 171 
SPM C11    C  N N 172 
SPM C12    C  N N 173 
SPM C13    C  N N 174 
SPM N14    N  N N 175 
SPM HN11   H  N N 176 
SPM HN12   H  N N 177 
SPM H21    H  N N 178 
SPM H22    H  N N 179 
SPM H31    H  N N 180 
SPM H32    H  N N 181 
SPM H41    H  N N 182 
SPM H42    H  N N 183 
SPM HN5    H  N N 184 
SPM H61    H  N N 185 
SPM H62    H  N N 186 
SPM H71    H  N N 187 
SPM H72    H  N N 188 
SPM H81    H  N N 189 
SPM H82    H  N N 190 
SPM H91    H  N N 191 
SPM H92    H  N N 192 
SPM HN0    H  N N 193 
SPM H111   H  N N 194 
SPM H112   H  N N 195 
SPM H121   H  N N 196 
SPM H122   H  N N 197 
SPM H131   H  N N 198 
SPM H132   H  N N 199 
SPM HN41   H  N N 200 
SPM HN42   H  N N 201 
# 
loop_
_chem_comp_bond.comp_id 
_chem_comp_bond.atom_id_1 
_chem_comp_bond.atom_id_2 
_chem_comp_bond.value_order 
_chem_comp_bond.pdbx_aromatic_flag 
_chem_comp_bond.pdbx_stereo_config 
_chem_comp_bond.pdbx_ordinal 
1AP N1    C2     sing Y N 1   
1AP N1    C6     doub Y N 2   
1AP C2    N2     sing N N 3   
1AP C2    N3     doub Y N 4   
1AP C4    C5     doub Y N 5   
1AP C4    N3     sing Y N 6   
1AP C4    N9     sing Y N 7   
1AP C5    C6     sing Y N 8   
1AP C5    N7     sing Y N 9   
1AP C6    N6     sing N N 10  
1AP C8    N9     sing Y N 11  
1AP C8    N7     doub Y N 12  
1AP C8    H81    sing N N 13  
1AP N2    HN21   sing N N 14  
1AP N2    HN22   sing N N 15  
1AP N9    "C1'"  sing N N 16  
1AP N6    HN61   sing N N 17  
1AP N6    HN62   sing N N 18  
1AP P     OP1    sing N N 19  
1AP P     OP2    doub N N 20  
1AP P     "O5'"  sing N N 21  
1AP P     OP3    sing N N 22  
1AP OP1   H1P    sing N N 23  
1AP "O5'" "C5'"  sing N N 24  
1AP "C5'" "C4'"  sing N N 25  
1AP "C5'" H52    sing N N 26  
1AP "C5'" H51    sing N N 27  
1AP "C4'" "O4'"  sing N N 28  
1AP "C4'" "C3'"  sing N N 29  
1AP "C4'" H4     sing N N 30  
1AP "O4'" "C1'"  sing N N 31  
1AP "C1'" "C2'"  sing N N 32  
1AP "C1'" H11    sing N N 33  
1AP "C2'" "C3'"  sing N N 34  
1AP "C2'" H21    sing N N 35  
1AP "C2'" H22    sing N N 36  
1AP "C3'" "O3'"  sing N N 37  
1AP "C3'" H31    sing N N 38  
1AP "O3'" HO31   sing N N 39  
1AP OP3   H3P    sing N N 40  
DC  OP3   P      sing N N 41  
DC  OP3   HOP3   sing N N 42  
DC  P     OP1    doub N N 43  
DC  P     OP2    sing N N 44  
DC  P     "O5'"  sing N N 45  
DC  OP2   HOP2   sing N N 46  
DC  "O5'" "C5'"  sing N N 47  
DC  "C5'" "C4'"  sing N N 48  
DC  "C5'" "H5'"  sing N N 49  
DC  "C5'" "H5''" sing N N 50  
DC  "C4'" "O4'"  sing N N 51  
DC  "C4'" "C3'"  sing N N 52  
DC  "C4'" "H4'"  sing N N 53  
DC  "O4'" "C1'"  sing N N 54  
DC  "C3'" "O3'"  sing N N 55  
DC  "C3'" "C2'"  sing N N 56  
DC  "C3'" "H3'"  sing N N 57  
DC  "O3'" "HO3'" sing N N 58  
DC  "C2'" "C1'"  sing N N 59  
DC  "C2'" "H2'"  sing N N 60  
DC  "C2'" "H2''" sing N N 61  
DC  "C1'" N1     sing N N 62  
DC  "C1'" "H1'"  sing N N 63  
DC  N1    C2     sing N N 64  
DC  N1    C6     sing N N 65  
DC  C2    O2     doub N N 66  
DC  C2    N3     sing N N 67  
DC  N3    C4     doub N N 68  
DC  C4    N4     sing N N 69  
DC  C4    C5     sing N N 70  
DC  N4    H41    sing N N 71  
DC  N4    H42    sing N N 72  
DC  C5    C6     doub N N 73  
DC  C5    H5     sing N N 74  
DC  C6    H6     sing N N 75  
DG  OP3   P      sing N N 76  
DG  OP3   HOP3   sing N N 77  
DG  P     OP1    doub N N 78  
DG  P     OP2    sing N N 79  
DG  P     "O5'"  sing N N 80  
DG  OP2   HOP2   sing N N 81  
DG  "O5'" "C5'"  sing N N 82  
DG  "C5'" "C4'"  sing N N 83  
DG  "C5'" "H5'"  sing N N 84  
DG  "C5'" "H5''" sing N N 85  
DG  "C4'" "O4'"  sing N N 86  
DG  "C4'" "C3'"  sing N N 87  
DG  "C4'" "H4'"  sing N N 88  
DG  "O4'" "C1'"  sing N N 89  
DG  "C3'" "O3'"  sing N N 90  
DG  "C3'" "C2'"  sing N N 91  
DG  "C3'" "H3'"  sing N N 92  
DG  "O3'" "HO3'" sing N N 93  
DG  "C2'" "C1'"  sing N N 94  
DG  "C2'" "H2'"  sing N N 95  
DG  "C2'" "H2''" sing N N 96  
DG  "C1'" N9     sing N N 97  
DG  "C1'" "H1'"  sing N N 98  
DG  N9    C8     sing Y N 99  
DG  N9    C4     sing Y N 100 
DG  C8    N7     doub Y N 101 
DG  C8    H8     sing N N 102 
DG  N7    C5     sing Y N 103 
DG  C5    C6     sing N N 104 
DG  C5    C4     doub Y N 105 
DG  C6    O6     doub N N 106 
DG  C6    N1     sing N N 107 
DG  N1    C2     sing N N 108 
DG  N1    H1     sing N N 109 
DG  C2    N2     sing N N 110 
DG  C2    N3     doub N N 111 
DG  N2    H21    sing N N 112 
DG  N2    H22    sing N N 113 
DG  N3    C4     sing N N 114 
DT  OP3   P      sing N N 115 
DT  OP3   HOP3   sing N N 116 
DT  P     OP1    doub N N 117 
DT  P     OP2    sing N N 118 
DT  P     "O5'"  sing N N 119 
DT  OP2   HOP2   sing N N 120 
DT  "O5'" "C5'"  sing N N 121 
DT  "C5'" "C4'"  sing N N 122 
DT  "C5'" "H5'"  sing N N 123 
DT  "C5'" "H5''" sing N N 124 
DT  "C4'" "O4'"  sing N N 125 
DT  "C4'" "C3'"  sing N N 126 
DT  "C4'" "H4'"  sing N N 127 
DT  "O4'" "C1'"  sing N N 128 
DT  "C3'" "O3'"  sing N N 129 
DT  "C3'" "C2'"  sing N N 130 
DT  "C3'" "H3'"  sing N N 131 
DT  "O3'" "HO3'" sing N N 132 
DT  "C2'" "C1'"  sing N N 133 
DT  "C2'" "H2'"  sing N N 134 
DT  "C2'" "H2''" sing N N 135 
DT  "C1'" N1     sing N N 136 
DT  "C1'" "H1'"  sing N N 137 
DT  N1    C2     sing N N 138 
DT  N1    C6     sing N N 139 
DT  C2    O2     doub N N 140 
DT  C2    N3     sing N N 141 
DT  N3    C4     sing N N 142 
DT  N3    H3     sing N N 143 
DT  C4    O4     doub N N 144 
DT  C4    C5     sing N N 145 
DT  C5    C7     sing N N 146 
DT  C5    C6     doub N N 147 
DT  C7    H71    sing N N 148 
DT  C7    H72    sing N N 149 
DT  C7    H73    sing N N 150 
DT  C6    H6     sing N N 151 
HOH O     H1     sing N N 152 
HOH O     H2     sing N N 153 
PTN PT    N1     sing N N 154 
PTN PT    N2     sing N N 155 
PTN PT    N3     sing N N 156 
PTN N1    H11    sing N N 157 
PTN N1    H12    sing N N 158 
PTN N1    H13    sing N N 159 
PTN N2    H21    sing N N 160 
PTN N2    H22    sing N N 161 
PTN N2    H23    sing N N 162 
PTN N3    H31    sing N N 163 
PTN N3    H32    sing N N 164 
PTN N3    H33    sing N N 165 
SPM N1    C2     sing N N 166 
SPM N1    HN11   sing N N 167 
SPM N1    HN12   sing N N 168 
SPM C2    C3     sing N N 169 
SPM C2    H21    sing N N 170 
SPM C2    H22    sing N N 171 
SPM C3    C4     sing N N 172 
SPM C3    H31    sing N N 173 
SPM C3    H32    sing N N 174 
SPM C4    N5     sing N N 175 
SPM C4    H41    sing N N 176 
SPM C4    H42    sing N N 177 
SPM N5    C6     sing N N 178 
SPM N5    HN5    sing N N 179 
SPM C6    C7     sing N N 180 
SPM C6    H61    sing N N 181 
SPM C6    H62    sing N N 182 
SPM C7    C8     sing N N 183 
SPM C7    H71    sing N N 184 
SPM C7    H72    sing N N 185 
SPM C8    C9     sing N N 186 
SPM C8    H81    sing N N 187 
SPM C8    H82    sing N N 188 
SPM C9    N10    sing N N 189 
SPM C9    H91    sing N N 190 
SPM C9    H92    sing N N 191 
SPM N10   C11    sing N N 192 
SPM N10   HN0    sing N N 193 
SPM C11   C12    sing N N 194 
SPM C11   H111   sing N N 195 
SPM C11   H112   sing N N 196 
SPM C12   C13    sing N N 197 
SPM C12   H121   sing N N 198 
SPM C12   H122   sing N N 199 
SPM C13   N14    sing N N 200 
SPM C13   H131   sing N N 201 
SPM C13   H132   sing N N 202 
SPM N14   HN41   sing N N 203 
SPM N14   HN42   sing N N 204 
# 
loop_
_ndb_struct_conf_na.entry_id 
_ndb_struct_conf_na.feature 
211D 'z-form double helix'  
211D 'mismatched base pair' 
# 
loop_
_ndb_struct_na_base_pair.model_number 
_ndb_struct_na_base_pair.i_label_asym_id 
_ndb_struct_na_base_pair.i_label_comp_id 
_ndb_struct_na_base_pair.i_label_seq_id 
_ndb_struct_na_base_pair.i_symmetry 
_ndb_struct_na_base_pair.j_label_asym_id 
_ndb_struct_na_base_pair.j_label_comp_id 
_ndb_struct_na_base_pair.j_label_seq_id 
_ndb_struct_na_base_pair.j_symmetry 
_ndb_struct_na_base_pair.shear 
_ndb_struct_na_base_pair.stretch 
_ndb_struct_na_base_pair.stagger 
_ndb_struct_na_base_pair.buckle 
_ndb_struct_na_base_pair.propeller 
_ndb_struct_na_base_pair.opening 
_ndb_struct_na_base_pair.pair_number 
_ndb_struct_na_base_pair.pair_name 
_ndb_struct_na_base_pair.i_auth_asym_id 
_ndb_struct_na_base_pair.i_auth_seq_id 
_ndb_struct_na_base_pair.i_PDB_ins_code 
_ndb_struct_na_base_pair.j_auth_asym_id 
_ndb_struct_na_base_pair.j_auth_seq_id 
_ndb_struct_na_base_pair.j_PDB_ins_code 
_ndb_struct_na_base_pair.hbond_type_28 
_ndb_struct_na_base_pair.hbond_type_12 
1 A DC  1 1_555 A DG  6 4_556 -0.524 -0.173 0.062  -1.926 -9.116 -2.357 1 A_DC1:DG6_A  A 1 ? A 6 ? 19 1 
1 A DG  2 1_555 A DC  5 4_556 0.271  -0.217 0.037  -6.410 -2.353 -0.546 2 A_DG2:DC5_A  A 2 ? A 5 ? 19 1 
1 A DT  3 1_555 A 1AP 4 4_556 0.006  -0.155 -0.090 7.511  -2.345 6.436  3 A_DT3:1AP4_A A 3 ? A 4 ? ?  ? 
1 A 1AP 4 1_555 A DT  3 4_556 -0.006 -0.155 -0.090 -7.511 -2.345 6.436  4 A_1AP4:DT3_A A 4 ? A 3 ? ?  ? 
1 A DC  5 1_555 A DG  2 4_556 -0.271 -0.217 0.037  6.410  -2.353 -0.546 5 A_DC5:DG2_A  A 5 ? A 2 ? 19 1 
1 A DG  6 1_555 A DC  1 4_556 0.524  -0.173 0.062  1.926  -9.116 -2.357 6 A_DG6:DC1_A  A 6 ? A 1 ? 19 1 
# 
loop_
_ndb_struct_na_base_pair_step.model_number 
_ndb_struct_na_base_pair_step.i_label_asym_id_1 
_ndb_struct_na_base_pair_step.i_label_comp_id_1 
_ndb_struct_na_base_pair_step.i_label_seq_id_1 
_ndb_struct_na_base_pair_step.i_symmetry_1 
_ndb_struct_na_base_pair_step.j_label_asym_id_1 
_ndb_struct_na_base_pair_step.j_label_comp_id_1 
_ndb_struct_na_base_pair_step.j_label_seq_id_1 
_ndb_struct_na_base_pair_step.j_symmetry_1 
_ndb_struct_na_base_pair_step.i_label_asym_id_2 
_ndb_struct_na_base_pair_step.i_label_comp_id_2 
_ndb_struct_na_base_pair_step.i_label_seq_id_2 
_ndb_struct_na_base_pair_step.i_symmetry_2 
_ndb_struct_na_base_pair_step.j_label_asym_id_2 
_ndb_struct_na_base_pair_step.j_label_comp_id_2 
_ndb_struct_na_base_pair_step.j_label_seq_id_2 
_ndb_struct_na_base_pair_step.j_symmetry_2 
_ndb_struct_na_base_pair_step.shift 
_ndb_struct_na_base_pair_step.slide 
_ndb_struct_na_base_pair_step.rise 
_ndb_struct_na_base_pair_step.tilt 
_ndb_struct_na_base_pair_step.roll 
_ndb_struct_na_base_pair_step.twist 
_ndb_struct_na_base_pair_step.x_displacement 
_ndb_struct_na_base_pair_step.y_displacement 
_ndb_struct_na_base_pair_step.helical_rise 
_ndb_struct_na_base_pair_step.inclination 
_ndb_struct_na_base_pair_step.tip 
_ndb_struct_na_base_pair_step.helical_twist 
_ndb_struct_na_base_pair_step.step_number 
_ndb_struct_na_base_pair_step.step_name 
_ndb_struct_na_base_pair_step.i_auth_asym_id_1 
_ndb_struct_na_base_pair_step.i_auth_seq_id_1 
_ndb_struct_na_base_pair_step.i_PDB_ins_code_1 
_ndb_struct_na_base_pair_step.j_auth_asym_id_1 
_ndb_struct_na_base_pair_step.j_auth_seq_id_1 
_ndb_struct_na_base_pair_step.j_PDB_ins_code_1 
_ndb_struct_na_base_pair_step.i_auth_asym_id_2 
_ndb_struct_na_base_pair_step.i_auth_seq_id_2 
_ndb_struct_na_base_pair_step.i_PDB_ins_code_2 
_ndb_struct_na_base_pair_step.j_auth_asym_id_2 
_ndb_struct_na_base_pair_step.j_auth_seq_id_2 
_ndb_struct_na_base_pair_step.j_PDB_ins_code_2 
1 A DC  1 1_555 A DG  6 4_556 A DG  2 1_555 A DC  5 4_556 0.026  5.348  3.605 0.540  -6.682 -9.886  -11.653 1.262  5.971 34.095 
2.755  -11.940 1 AA_DC1DG2:DC5DG6_AA   A 1 ? A 6 ? A 2 ? A 5 ? 
1 A DG  2 1_555 A DC  5 4_556 A DT  3 1_555 A 1AP 4 4_556 0.193  -1.345 3.180 1.593  -9.157 -41.807 2.695   0.413  2.829 12.645 
2.200  -42.783 2 AA_DG2DT3:1AP4DC5_AA  A 2 ? A 5 ? A 3 ? A 4 ? 
1 A DT  3 1_555 A 1AP 4 4_556 A 1AP 4 1_555 A DT  3 4_556 0.000  5.271  3.728 0.000  -6.001 -7.844  -11.197 0.000  6.162 37.463 
0.000  -9.873  3 AA_DT31AP4:DT31AP4_AA A 3 ? A 4 ? A 4 ? A 3 ? 
1 A 1AP 4 1_555 A DT  3 4_556 A DC  5 1_555 A DG  2 4_556 -0.193 -1.345 3.180 -1.593 -9.157 -41.807 2.695   -0.413 2.829 12.645 
-2.200 -42.783 4 AA_1AP4DC5:DG2DT3_AA  A 4 ? A 3 ? A 5 ? A 2 ? 
1 A DC  5 1_555 A DG  2 4_556 A DG  6 1_555 A DC  1 4_556 -0.026 5.348  3.605 -0.540 -6.682 -9.886  -11.653 -1.262 5.971 34.095 
-2.755 -11.940 5 AA_DC5DG6:DC1DG2_AA   A 5 ? A 2 ? A 6 ? A 1 ? 
# 
_atom_sites.entry_id                    211D 
_atom_sites.fract_transf_matrix[1][1]   -0.03943586 
_atom_sites.fract_transf_matrix[1][2]   -0.02226339 
_atom_sites.fract_transf_matrix[1][3]   0.00706805 
_atom_sites.fract_transf_matrix[2][1]   -0.00422285 
_atom_sites.fract_transf_matrix[2][2]   -0.02834302 
_atom_sites.fract_transf_matrix[2][3]   0.03577145 
_atom_sites.fract_transf_matrix[3][1]   -0.00841183 
_atom_sites.fract_transf_matrix[3][2]   0.01948669 
_atom_sites.fract_transf_matrix[3][3]   0.01444699 
_atom_sites.fract_transf_vector[1]      -0.561772 
_atom_sites.fract_transf_vector[2]      -0.657128 
_atom_sites.fract_transf_vector[3]      0.603219 
# 
loop_
_atom_type.symbol 
C  
N  
O  
P  
PT 
# 
loop_
_atom_site.group_PDB 
_atom_site.id 
_atom_site.type_symbol 
_atom_site.label_atom_id 
_atom_site.label_alt_id 
_atom_site.label_comp_id 
_atom_site.label_asym_id 
_atom_site.label_entity_id 
_atom_site.label_seq_id 
_atom_site.pdbx_PDB_ins_code 
_atom_site.Cartn_x 
_atom_site.Cartn_y 
_atom_site.Cartn_z 
_atom_site.occupancy 
_atom_site.B_iso_or_equiv 
_atom_site.pdbx_formal_charge 
_atom_site.auth_seq_id 
_atom_site.auth_comp_id 
_atom_site.auth_asym_id 
_atom_site.auth_atom_id 
_atom_site.pdbx_PDB_model_num 
ATOM   1   O  "O5'" . DC  A 1 1 ? -5.191 -10.052 -5.447 1.00 23.70 ? 1  DC  A "O5'" 1 
ATOM   2   C  "C5'" . DC  A 1 1 ? -5.230 -8.698  -4.987 1.00 14.90 ? 1  DC  A "C5'" 1 
ATOM   3   C  "C4'" . DC  A 1 1 ? -4.366 -7.735  -5.774 1.00 13.31 ? 1  DC  A "C4'" 1 
ATOM   4   O  "O4'" . DC  A 1 1 ? -2.970 -8.115  -5.689 1.00 12.14 ? 1  DC  A "O4'" 1 
ATOM   5   C  "C3'" . DC  A 1 1 ? -4.693 -7.583  -7.271 1.00 12.18 ? 1  DC  A "C3'" 1 
ATOM   6   O  "O3'" . DC  A 1 1 ? -4.635 -6.201  -7.690 1.00 13.59 ? 1  DC  A "O3'" 1 
ATOM   7   C  "C2'" . DC  A 1 1 ? -3.534 -8.286  -7.952 1.00 12.12 ? 1  DC  A "C2'" 1 
ATOM   8   C  "C1'" . DC  A 1 1 ? -2.397 -8.026  -6.981 1.00 11.77 ? 1  DC  A "C1'" 1 
ATOM   9   N  N1    . DC  A 1 1 ? -1.300 -9.006  -7.067 1.00 11.39 ? 1  DC  A N1    1 
ATOM   10  C  C2    . DC  A 1 1 ? -0.260 -8.741  -7.956 1.00 12.12 ? 1  DC  A C2    1 
ATOM   11  O  O2    . DC  A 1 1 ? -0.314 -7.704  -8.632 1.00 13.31 ? 1  DC  A O2    1 
ATOM   12  N  N3    . DC  A 1 1 ? 0.769  -9.612  -8.056 1.00 10.05 ? 1  DC  A N3    1 
ATOM   13  C  C4    . DC  A 1 1 ? 0.776  -10.715 -7.308 1.00 9.49  ? 1  DC  A C4    1 
ATOM   14  N  N4    . DC  A 1 1 ? 1.811  -11.544 -7.433 1.00 9.82  ? 1  DC  A N4    1 
ATOM   15  C  C5    . DC  A 1 1 ? -0.283 -11.018 -6.392 1.00 10.64 ? 1  DC  A C5    1 
ATOM   16  C  C6    . DC  A 1 1 ? -1.292 -10.141 -6.305 1.00 10.01 ? 1  DC  A C6    1 
ATOM   17  P  P     . DG  A 1 2 ? -5.973 -5.322  -7.772 1.00 11.64 ? 2  DG  A P     1 
ATOM   18  O  OP1   . DG  A 1 2 ? -7.097 -6.173  -8.197 1.00 14.92 ? 2  DG  A OP1   1 
ATOM   19  O  OP2   . DG  A 1 2 ? -5.615 -4.126  -8.559 1.00 13.56 ? 2  DG  A OP2   1 
ATOM   20  O  "O5'" . DG  A 1 2 ? -6.252 -4.890  -6.255 1.00 11.73 ? 2  DG  A "O5'" 1 
ATOM   21  C  "C5'" . DG  A 1 2 ? -5.265 -4.165  -5.541 1.00 10.51 ? 2  DG  A "C5'" 1 
ATOM   22  C  "C4'" . DG  A 1 2 ? -5.673 -4.023  -4.096 1.00 10.62 ? 2  DG  A "C4'" 1 
ATOM   23  O  "O4'" . DG  A 1 2 ? -5.712 -5.316  -3.455 1.00 10.69 ? 2  DG  A "O4'" 1 
ATOM   24  C  "C3'" . DG  A 1 2 ? -4.699 -3.166  -3.296 1.00 10.38 ? 2  DG  A "C3'" 1 
ATOM   25  O  "O3'" . DG  A 1 2 ? -5.232 -1.849  -3.213 1.00 9.33  ? 2  DG  A "O3'" 1 
ATOM   26  C  "C2'" . DG  A 1 2 ? -4.637 -3.831  -1.934 1.00 11.28 ? 2  DG  A "C2'" 1 
ATOM   27  C  "C1'" . DG  A 1 2 ? -5.123 -5.261  -2.170 1.00 9.53  ? 2  DG  A "C1'" 1 
ATOM   28  N  N9    . DG  A 1 2 ? -4.117 -6.314  -2.090 1.00 10.47 ? 2  DG  A N9    1 
ATOM   29  C  C8    . DG  A 1 2 ? -4.207 -7.454  -1.344 1.00 9.60  ? 2  DG  A C8    1 
ATOM   30  N  N7    . DG  A 1 2 ? -3.177 -8.240  -1.480 1.00 8.87  ? 2  DG  A N7    1 
ATOM   31  C  C5    . DG  A 1 2 ? -2.354 -7.585  -2.389 1.00 9.58  ? 2  DG  A C5    1 
ATOM   32  C  C6    . DG  A 1 2 ? -1.103 -7.984  -2.972 1.00 10.30 ? 2  DG  A C6    1 
ATOM   33  O  O6    . DG  A 1 2 ? -0.474 -9.045  -2.814 1.00 11.88 ? 2  DG  A O6    1 
ATOM   34  N  N1    . DG  A 1 2 ? -0.607 -7.011  -3.825 1.00 9.79  ? 2  DG  A N1    1 
ATOM   35  C  C2    . DG  A 1 2 ? -1.227 -5.817  -4.114 1.00 10.03 ? 2  DG  A C2    1 
ATOM   36  N  N2    . DG  A 1 2 ? -0.574 -5.002  -4.961 1.00 8.26  ? 2  DG  A N2    1 
ATOM   37  N  N3    . DG  A 1 2 ? -2.402 -5.446  -3.607 1.00 10.15 ? 2  DG  A N3    1 
ATOM   38  C  C4    . DG  A 1 2 ? -2.902 -6.379  -2.760 1.00 10.13 ? 2  DG  A C4    1 
ATOM   39  P  P     . DT  A 1 3 ? -4.276 -0.602  -3.434 1.00 10.43 ? 3  DT  A P     1 
ATOM   40  O  OP1   . DT  A 1 3 ? -5.086 0.625   -3.245 1.00 12.15 ? 3  DT  A OP1   1 
ATOM   41  O  OP2   . DT  A 1 3 ? -3.569 -0.803  -4.721 1.00 12.79 ? 3  DT  A OP2   1 
ATOM   42  O  "O5'" . DT  A 1 3 ? -3.273 -0.751  -2.205 1.00 11.78 ? 3  DT  A "O5'" 1 
ATOM   43  C  "C5'" . DT  A 1 3 ? -2.600 0.375   -1.659 1.00 10.17 ? 3  DT  A "C5'" 1 
ATOM   44  C  "C4'" . DT  A 1 3 ? -1.107 0.190   -1.785 1.00 11.07 ? 3  DT  A "C4'" 1 
ATOM   45  O  "O4'" . DT  A 1 3 ? -0.693 -0.994  -1.059 1.00 9.13  ? 3  DT  A "O4'" 1 
ATOM   46  C  "C3'" . DT  A 1 3 ? -0.593 0.018   -3.223 1.00 12.23 ? 3  DT  A "C3'" 1 
ATOM   47  O  "O3'" . DT  A 1 3 ? 0.590  0.813   -3.432 1.00 14.74 ? 3  DT  A "O3'" 1 
ATOM   48  C  "C2'" . DT  A 1 3 ? -0.207 -1.452  -3.279 1.00 10.52 ? 3  DT  A "C2'" 1 
ATOM   49  C  "C1'" . DT  A 1 3 ? 0.238  -1.695  -1.849 1.00 9.08  ? 3  DT  A "C1'" 1 
ATOM   50  N  N1    . DT  A 1 3 ? 0.240  -3.112  -1.425 1.00 9.13  ? 3  DT  A N1    1 
ATOM   51  C  C2    . DT  A 1 3 ? 1.280  -3.888  -1.902 1.00 9.87  ? 3  DT  A C2    1 
ATOM   52  O  O2    . DT  A 1 3 ? 2.136  -3.460  -2.653 1.00 9.77  ? 3  DT  A O2    1 
ATOM   53  N  N3    . DT  A 1 3 ? 1.273  -5.183  -1.477 1.00 8.48  ? 3  DT  A N3    1 
ATOM   54  C  C4    . DT  A 1 3 ? 0.358  -5.782  -0.648 1.00 9.32  ? 3  DT  A C4    1 
ATOM   55  O  O4    . DT  A 1 3 ? 0.500  -6.964  -0.355 1.00 12.08 ? 3  DT  A O4    1 
ATOM   56  C  C5    . DT  A 1 3 ? -0.720 -4.924  -0.183 1.00 9.08  ? 3  DT  A C5    1 
ATOM   57  C  C7    . DT  A 1 3 ? -1.760 -5.491  0.730  1.00 9.00  ? 3  DT  A C7    1 
ATOM   58  C  C6    . DT  A 1 3 ? -0.729 -3.642  -0.595 1.00 8.14  ? 3  DT  A C6    1 
HETATM 59  N  N1    . 1AP A 1 4 ? 1.036  -1.282  1.631  1.00 8.82  ? 4  1AP A N1    1 
HETATM 60  C  C2    . 1AP A 1 4 ? 1.425  -0.125  1.066  1.00 8.32  ? 4  1AP A C2    1 
HETATM 61  C  C4    . 1AP A 1 4 ? -0.423 0.951   1.624  1.00 11.41 ? 4  1AP A C4    1 
HETATM 62  C  C5    . 1AP A 1 4 ? -0.958 -0.169  2.235  1.00 11.56 ? 4  1AP A C5    1 
HETATM 63  C  C6    . 1AP A 1 4 ? -0.169 -1.337  2.234  1.00 8.58  ? 4  1AP A C6    1 
HETATM 64  C  C8    . 1AP A 1 4 ? -2.451 1.343   2.359  1.00 13.43 ? 4  1AP A C8    1 
HETATM 65  N  N2    . 1AP A 1 4 ? 2.608  -0.080  0.444  1.00 8.74  ? 4  1AP A N2    1 
HETATM 66  N  N3    . 1AP A 1 4 ? 0.782  1.041   1.017  1.00 10.25 ? 4  1AP A N3    1 
HETATM 67  N  N9    . 1AP A 1 4 ? -1.395 1.929   1.716  1.00 11.40 ? 4  1AP A N9    1 
HETATM 68  N  N7    . 1AP A 1 4 ? -2.243 0.095   2.700  1.00 13.35 ? 4  1AP A N7    1 
HETATM 69  N  N6    . 1AP A 1 4 ? -0.541 -2.482  2.803  1.00 11.27 ? 4  1AP A N6    1 
HETATM 70  P  P     . 1AP A 1 4 ? 0.492  2.269   -4.124 1.00 17.21 ? 4  1AP A P     1 
HETATM 71  O  OP1   . 1AP A 1 4 ? -0.637 2.310   -5.078 1.00 16.71 ? 4  1AP A OP1   1 
HETATM 72  O  OP2   . 1AP A 1 4 ? 1.861  2.616   -4.567 1.00 19.25 ? 4  1AP A OP2   1 
HETATM 73  O  "O5'" . 1AP A 1 4 ? 0.072  3.244   -2.937 1.00 18.28 ? 4  1AP A "O5'" 1 
HETATM 74  C  "C5'" . 1AP A 1 4 ? 0.694  3.174   -1.666 1.00 16.94 ? 4  1AP A "C5'" 1 
HETATM 75  C  "C4'" . 1AP A 1 4 ? -0.074 4.004   -0.662 1.00 14.83 ? 4  1AP A "C4'" 1 
HETATM 76  O  "O4'" . 1AP A 1 4 ? -1.200 3.238   -0.181 1.00 14.64 ? 4  1AP A "O4'" 1 
HETATM 77  C  "C1'" . 1AP A 1 4 ? -1.324 3.305   1.221  1.00 12.47 ? 4  1AP A "C1'" 1 
HETATM 78  C  "C2'" . 1AP A 1 4 ? -0.186 4.209   1.732  1.00 15.22 ? 4  1AP A "C2'" 1 
HETATM 79  C  "C3'" . 1AP A 1 4 ? 0.773  4.343   0.556  1.00 15.16 ? 4  1AP A "C3'" 1 
HETATM 80  O  "O3'" . 1AP A 1 4 ? 1.251  5.634   0.517  1.00 20.81 ? 4  1AP A "O3'" 1 
ATOM   81  P  P     A DC  A 1 5 ? 2.916  5.833   0.320  0.70 19.51 ? 5  DC  A P     1 
ATOM   82  P  P     B DC  A 1 5 ? 2.179  6.493   1.480  0.30 16.78 ? 5  DC  A P     1 
ATOM   83  O  OP1   A DC  A 1 5 ? 3.141  7.248   0.224  0.70 23.56 ? 5  DC  A OP1   1 
ATOM   84  O  OP1   B DC  A 1 5 ? 1.359  6.902   2.643  0.30 17.69 ? 5  DC  A OP1   1 
ATOM   85  O  OP2   A DC  A 1 5 ? 3.611  4.901   -0.545 0.70 22.10 ? 5  DC  A OP2   1 
ATOM   86  O  OP2   B DC  A 1 5 ? 2.878  7.601   0.797  0.30 18.82 ? 5  DC  A OP2   1 
ATOM   87  O  "O5'" . DC  A 1 5 ? 3.350  5.404   1.816  1.00 17.68 ? 5  DC  A "O5'" 1 
ATOM   88  C  "C5'" . DC  A 1 5 ? 4.449  5.913   2.492  1.00 13.51 ? 5  DC  A "C5'" 1 
ATOM   89  C  "C4'" . DC  A 1 5 ? 5.264  4.755   3.020  1.00 11.33 ? 5  DC  A "C4'" 1 
ATOM   90  O  "O4'" . DC  A 1 5 ? 4.442  3.906   3.854  1.00 11.33 ? 5  DC  A "O4'" 1 
ATOM   91  C  "C3'" . DC  A 1 5 ? 5.795  3.844   1.904  1.00 13.89 ? 5  DC  A "C3'" 1 
ATOM   92  O  "O3'" . DC  A 1 5 ? 7.150  3.508   2.187  1.00 16.41 ? 5  DC  A "O3'" 1 
ATOM   93  C  "C2'" . DC  A 1 5 ? 4.929  2.606   2.019  1.00 11.55 ? 5  DC  A "C2'" 1 
ATOM   94  C  "C1'" . DC  A 1 5 ? 4.707  2.566   3.503  1.00 9.80  ? 5  DC  A "C1'" 1 
ATOM   95  N  N1    . DC  A 1 5 ? 3.580  1.738   3.950  1.00 8.93  ? 5  DC  A N1    1 
ATOM   96  C  C2    . DC  A 1 5 ? 3.791  0.362   4.115  1.00 8.04  ? 5  DC  A C2    1 
ATOM   97  O  O2    . DC  A 1 5 ? 4.891  -0.108  3.822  1.00 10.38 ? 5  DC  A O2    1 
ATOM   98  N  N3    . DC  A 1 5 ? 2.789  -0.416  4.570  1.00 8.16  ? 5  DC  A N3    1 
ATOM   99  C  C4    . DC  A 1 5 ? 1.607  0.125   4.854  1.00 6.71  ? 5  DC  A C4    1 
ATOM   100 N  N4    . DC  A 1 5 ? 0.663  -0.680  5.329  1.00 7.94  ? 5  DC  A N4    1 
ATOM   101 C  C5    . DC  A 1 5 ? 1.349  1.526   4.671  1.00 8.06  ? 5  DC  A C5    1 
ATOM   102 C  C6    . DC  A 1 5 ? 2.353  2.286   4.214  1.00 7.18  ? 5  DC  A C6    1 
ATOM   103 P  P     . DG  A 1 6 ? 8.334  4.339   1.493  1.00 19.40 ? 6  DG  A P     1 
ATOM   104 O  OP1   . DG  A 1 6 ? 8.011  4.529   0.058  1.00 22.06 ? 6  DG  A OP1   1 
ATOM   105 O  OP2   . DG  A 1 6 ? 9.574  3.634   1.892  1.00 22.86 ? 6  DG  A OP2   1 
ATOM   106 O  "O5'" . DG  A 1 6 ? 8.282  5.770   2.199  1.00 18.51 ? 6  DG  A "O5'" 1 
ATOM   107 C  "C5'" . DG  A 1 6 ? 8.828  5.953   3.503  1.00 16.74 ? 6  DG  A "C5'" 1 
ATOM   108 C  "C4'" . DG  A 1 6 ? 8.702  7.395   3.914  1.00 14.24 ? 6  DG  A "C4'" 1 
ATOM   109 O  "O4'" . DG  A 1 6 ? 7.300  7.689   4.066  1.00 13.63 ? 6  DG  A "O4'" 1 
ATOM   110 C  "C3'" . DG  A 1 6 ? 9.363  7.723   5.251  1.00 14.00 ? 6  DG  A "C3'" 1 
ATOM   111 O  "O3'" . DG  A 1 6 ? 9.909  9.041   5.205  1.00 14.70 ? 6  DG  A "O3'" 1 
ATOM   112 C  "C2'" . DG  A 1 6 ? 8.225  7.641   6.247  1.00 12.81 ? 6  DG  A "C2'" 1 
ATOM   113 C  "C1'" . DG  A 1 6 ? 7.023  8.059   5.409  1.00 12.91 ? 6  DG  A "C1'" 1 
ATOM   114 N  N9    . DG  A 1 6 ? 5.786  7.452   5.785  1.00 13.14 ? 6  DG  A N9    1 
ATOM   115 C  C8    . DG  A 1 6 ? 4.551  8.048   5.773  1.00 11.88 ? 6  DG  A C8    1 
ATOM   116 N  N7    . DG  A 1 6 ? 3.589  7.235   6.122  1.00 13.96 ? 6  DG  A N7    1 
ATOM   117 C  C5    . DG  A 1 6 ? 4.225  6.022   6.368  1.00 11.41 ? 6  DG  A C5    1 
ATOM   118 C  C6    . DG  A 1 6 ? 3.687  4.756   6.721  1.00 10.26 ? 6  DG  A C6    1 
ATOM   119 O  O6    . DG  A 1 6 ? 2.505  4.457   6.919  1.00 10.12 ? 6  DG  A O6    1 
ATOM   120 N  N1    . DG  A 1 6 ? 4.678  3.786   6.822  1.00 11.40 ? 6  DG  A N1    1 
ATOM   121 C  C2    . DG  A 1 6 ? 6.019  4.005   6.621  1.00 13.34 ? 6  DG  A C2    1 
ATOM   122 N  N2    . DG  A 1 6 ? 6.821  2.960   6.826  1.00 14.57 ? 6  DG  A N2    1 
ATOM   123 N  N3    . DG  A 1 6 ? 6.534  5.171   6.271  1.00 13.44 ? 6  DG  A N3    1 
ATOM   124 C  C4    . DG  A 1 6 ? 5.583  6.134   6.166  1.00 11.97 ? 6  DG  A C4    1 
HETATM 125 PT PT    . PTN B 2 . ? 1.478  7.982   5.957  0.30 16.52 ? 7  PTN A PT    1 
HETATM 126 N  N1    . PTN B 2 . ? 1.104  6.403   4.745  0.30 15.42 ? 7  PTN A N1    1 
HETATM 127 N  N2    . PTN B 2 . ? 1.875  9.541   7.143  0.30 14.18 ? 7  PTN A N2    1 
HETATM 128 N  N3    . PTN B 2 . ? -0.512 8.087   6.416  0.30 14.92 ? 7  PTN A N3    1 
HETATM 129 N  N1    . SPM C 3 . ? -1.336 7.757   2.598  0.30 42.88 ? 8  SPM A N1    1 
HETATM 130 C  C2    . SPM C 3 . ? -1.752 6.930   3.783  0.30 42.75 ? 8  SPM A C2    1 
HETATM 131 C  C3    . SPM C 3 . ? -3.257 7.015   4.109  0.30 42.30 ? 8  SPM A C3    1 
HETATM 132 C  C4    . SPM C 3 . ? -3.493 7.624   5.450  0.30 41.37 ? 8  SPM A C4    1 
HETATM 133 N  N5    . SPM C 3 . ? -3.319 6.539   6.555  0.30 40.28 ? 8  SPM A N5    1 
HETATM 134 C  C6    . SPM C 3 . ? -4.705 6.141   6.806  0.30 39.89 ? 8  SPM A C6    1 
HETATM 135 C  C7    . SPM C 3 . ? -5.368 7.043   7.659  0.30 39.89 ? 8  SPM A C7    1 
HETATM 136 C  C8    . SPM C 3 . ? -5.932 6.032   8.847  0.30 40.50 ? 8  SPM A C8    1 
HETATM 137 C  C9    . SPM C 3 . ? -6.073 4.643   7.998  0.30 40.81 ? 8  SPM A C9    1 
HETATM 138 N  N10   . SPM C 3 . ? -6.633 3.468   8.689  0.30 41.19 ? 8  SPM A N10   1 
HETATM 139 C  C11   . SPM C 3 . ? -5.450 2.508   8.976  0.30 40.47 ? 8  SPM A C11   1 
HETATM 140 C  C12   . SPM C 3 . ? -5.846 1.642   10.181 0.30 39.85 ? 8  SPM A C12   1 
HETATM 141 C  C13   . SPM C 3 . ? -4.645 0.875   10.691 0.30 39.33 ? 8  SPM A C13   1 
HETATM 142 N  N14   . SPM C 3 . ? -4.394 -0.331  10.061 0.30 39.02 ? 8  SPM A N14   1 
HETATM 143 O  O     . HOH D 4 . ? -1.800 -2.598  -6.118 1.00 14.11 ? 9  HOH A O     1 
HETATM 144 O  O     . HOH D 4 . ? -2.987 -3.292  -8.489 1.00 13.96 ? 10 HOH A O     1 
HETATM 145 O  O     . HOH D 4 . ? -0.671 -4.856  -8.791 1.00 14.80 ? 11 HOH A O     1 
HETATM 146 O  O     . HOH D 4 . ? -4.355 3.143   -4.268 1.00 26.94 ? 12 HOH A O     1 
HETATM 147 O  O     . HOH D 4 . ? -7.290 1.168   -4.747 1.00 33.23 ? 13 HOH A O     1 
HETATM 148 O  O     . HOH D 4 . ? -2.835 4.542   -2.519 1.00 39.98 ? 14 HOH A O     1 
HETATM 149 O  O     . HOH D 4 . ? 8.942  1.269   3.423  0.50 23.80 ? 15 HOH A O     1 
HETATM 150 O  O     . HOH D 4 . ? -8.171 -6.818  -3.468 1.00 40.32 ? 16 HOH A O     1 
HETATM 151 O  O     . HOH D 4 . ? 4.260  2.127   -1.837 1.00 29.98 ? 17 HOH A O     1 
HETATM 152 O  O     . HOH D 4 . ? 2.210  -3.133  -5.674 1.00 35.76 ? 18 HOH A O     1 
HETATM 153 O  O     . HOH D 4 . ? -1.530 -11.474 -3.004 1.00 26.52 ? 19 HOH A O     1 
HETATM 154 O  O     . HOH D 4 . ? 2.622  9.329   -1.820 0.50 28.69 ? 20 HOH A O     1 
HETATM 155 O  O     . HOH D 4 . ? 2.211  -14.011 -5.683 0.50 24.02 ? 21 HOH A O     1 
HETATM 156 O  O     . HOH D 4 . ? -3.709 7.102   -4.643 0.50 38.07 ? 22 HOH A O     1 
HETATM 157 O  O     . HOH D 4 . ? -8.773 -7.687  -6.381 0.50 26.67 ? 23 HOH A O     1 
HETATM 158 O  O     . HOH D 4 . ? -8.135 -1.509  -5.559 0.50 38.13 ? 24 HOH A O     1 
HETATM 159 O  O     . HOH D 4 . ? -0.740 -13.920 -3.749 0.50 47.24 ? 25 HOH A O     1 
HETATM 160 O  O     . HOH D 4 . ? 6.301  -0.622  -1.525 1.00 38.66 ? 26 HOH A O     1 
HETATM 161 O  O     . HOH D 4 . ? -0.644 8.219   -0.456 0.50 26.58 ? 27 HOH A O     1 
HETATM 162 O  O     . HOH D 4 . ? -1.832 3.468   5.536  1.00 35.47 ? 28 HOH A O     1 
HETATM 163 O  O     . HOH D 4 . ? -1.574 0.763   6.166  1.00 38.70 ? 29 HOH A O     1 
HETATM 164 O  O     . HOH D 4 . ? -2.530 -1.521  4.909  1.00 29.68 ? 30 HOH A O     1 
HETATM 165 O  O     . HOH D 4 . ? 0.697  -1.630  -7.295 0.50 27.83 ? 31 HOH A O     1 
# 
